data_6MU0
#
_entry.id   6MU0
#
_cell.length_a   45.350
_cell.length_b   45.350
_cell.length_c   138.510
_cell.angle_alpha   90.000
_cell.angle_beta   90.000
_cell.angle_gamma   90.000
#
_symmetry.space_group_name_H-M   'P 43 21 2'
#
loop_
_entity.id
_entity.type
_entity.pdbx_description
1 polymer 'Probable ribose-5-phosphate isomerase B'
2 non-polymer RIBULOSE-5-PHOSPHATE
3 water water
#
_entity_poly.entity_id   1
_entity_poly.type   'polypeptide(L)'
_entity_poly.pdbx_seq_one_letter_code
;MAHHHHHHMSFNIFIASDHTGLTLKKIISEHLKTKQFNVVDLGPNYFDANDDYPDFAFLVADKVKKNSDKDLGILI
(CSD)GTGVGVCMAANKVKGVLAALVVSEKTAALARQHDNANVLCLSSRFVTDSENIKIVDDFLKANFEGGRHQRRIDKI
IRYEKETE
;
_entity_poly.pdbx_strand_id   A
#
loop_
_chem_comp.id
_chem_comp.type
_chem_comp.name
_chem_comp.formula
5RP saccharide RIBULOSE-5-PHOSPHATE 'C5 H11 O8 P'
#
# COMPACT_ATOMS: atom_id res chain seq x y z
N HIS A 8 12.43 -0.71 9.37
CA HIS A 8 13.23 0.29 10.08
C HIS A 8 12.38 1.06 11.07
N MET A 9 13.02 1.57 12.12
CA MET A 9 12.30 2.21 13.22
C MET A 9 11.95 3.67 12.92
N SER A 10 12.32 4.20 11.77
CA SER A 10 12.13 5.62 11.48
C SER A 10 10.81 5.93 10.79
N PHE A 11 9.97 4.93 10.50
CA PHE A 11 8.72 5.17 9.81
C PHE A 11 7.72 4.10 10.22
N ASN A 12 6.44 4.37 9.91
CA ASN A 12 5.34 3.47 10.20
C ASN A 12 4.77 2.91 8.91
N ILE A 13 4.33 1.65 8.98
CA ILE A 13 3.55 1.01 7.92
C ILE A 13 2.14 0.84 8.45
N PHE A 14 1.17 1.43 7.76
CA PHE A 14 -0.24 1.33 8.13
C PHE A 14 -0.90 0.32 7.19
N ILE A 15 -1.64 -0.62 7.76
CA ILE A 15 -2.25 -1.69 6.98
C ILE A 15 -3.74 -1.78 7.31
N ALA A 16 -4.55 -2.01 6.28
CA ALA A 16 -5.98 -2.22 6.45
C ALA A 16 -6.50 -3.05 5.28
N SER A 17 -7.74 -3.49 5.40
CA SER A 17 -8.39 -4.26 4.35
C SER A 17 -9.87 -3.98 4.40
N ASP A 18 -10.63 -4.62 3.51
CA ASP A 18 -12.05 -4.83 3.78
C ASP A 18 -12.24 -6.26 4.29
N HIS A 19 -13.51 -6.67 4.40
CA HIS A 19 -13.85 -7.98 4.92
C HIS A 19 -13.21 -9.12 4.16
N THR A 20 -12.75 -8.91 2.92
CA THR A 20 -12.19 -10.01 2.14
C THR A 20 -10.77 -10.36 2.56
N GLY A 21 -10.11 -9.51 3.35
CA GLY A 21 -8.68 -9.65 3.51
C GLY A 21 -8.15 -9.79 4.91
N LEU A 22 -8.98 -10.24 5.87
CA LEU A 22 -8.55 -10.24 7.26
C LEU A 22 -7.42 -11.24 7.53
N THR A 23 -7.52 -12.44 6.96
CA THR A 23 -6.47 -13.43 7.20
C THR A 23 -5.13 -12.95 6.63
N LEU A 24 -5.14 -12.46 5.39
CA LEU A 24 -3.92 -11.96 4.79
C LEU A 24 -3.36 -10.78 5.58
N LYS A 25 -4.24 -9.89 6.04
CA LYS A 25 -3.78 -8.73 6.80
C LYS A 25 -3.00 -9.15 8.05
N LYS A 26 -3.52 -10.14 8.79
CA LYS A 26 -2.79 -10.60 9.97
C LYS A 26 -1.47 -11.25 9.59
N ILE A 27 -1.47 -12.08 8.54
CA ILE A 27 -0.23 -12.70 8.08
C ILE A 27 0.82 -11.64 7.77
N ILE A 28 0.45 -10.63 6.99
CA ILE A 28 1.42 -9.60 6.61
C ILE A 28 1.86 -8.80 7.84
N SER A 29 0.90 -8.40 8.68
CA SER A 29 1.25 -7.58 9.84
CA SER A 29 1.25 -7.57 9.84
CA SER A 29 1.25 -7.58 9.84
C SER A 29 2.24 -8.30 10.75
N GLU A 30 1.96 -9.56 11.07
CA GLU A 30 2.85 -10.30 11.97
C GLU A 30 4.19 -10.59 11.31
N HIS A 31 4.18 -10.88 10.01
CA HIS A 31 5.42 -11.07 9.26
C HIS A 31 6.32 -9.84 9.37
N LEU A 32 5.75 -8.66 9.17
CA LEU A 32 6.53 -7.43 9.20
C LEU A 32 6.94 -7.07 10.62
N LYS A 33 6.08 -7.34 11.61
CA LYS A 33 6.49 -7.09 13.00
C LYS A 33 7.69 -7.94 13.38
N THR A 34 7.72 -9.19 12.94
CA THR A 34 8.88 -10.04 13.23
C THR A 34 10.15 -9.49 12.61
N LYS A 35 10.03 -8.84 11.45
CA LYS A 35 11.16 -8.19 10.79
C LYS A 35 11.49 -6.84 11.38
N GLN A 36 10.84 -6.46 12.48
CA GLN A 36 11.14 -5.26 13.26
C GLN A 36 10.66 -3.98 12.58
N PHE A 37 9.70 -4.08 11.66
CA PHE A 37 9.04 -2.89 11.17
C PHE A 37 8.03 -2.39 12.21
N ASN A 38 7.72 -1.10 12.13
CA ASN A 38 6.64 -0.51 12.89
C ASN A 38 5.37 -0.67 12.06
N VAL A 39 4.43 -1.47 12.56
CA VAL A 39 3.26 -1.88 11.78
C VAL A 39 2.01 -1.52 12.56
N VAL A 40 1.07 -0.87 11.89
CA VAL A 40 -0.12 -0.31 12.50
C VAL A 40 -1.33 -0.87 11.75
N ASP A 41 -2.02 -1.85 12.34
CA ASP A 41 -3.22 -2.44 11.76
C ASP A 41 -4.41 -1.56 12.10
N LEU A 42 -4.95 -0.88 11.09
CA LEU A 42 -6.06 0.04 11.27
C LEU A 42 -7.43 -0.62 11.12
N GLY A 43 -7.47 -1.93 10.97
CA GLY A 43 -8.72 -2.66 10.92
C GLY A 43 -9.08 -3.09 9.52
N PRO A 44 -10.24 -3.76 9.38
CA PRO A 44 -11.15 -4.15 10.47
C PRO A 44 -10.58 -5.24 11.36
N ASN A 45 -11.12 -5.33 12.56
CA ASN A 45 -10.65 -6.27 13.58
C ASN A 45 -11.57 -7.46 13.76
N TYR A 46 -12.68 -7.48 13.04
CA TYR A 46 -13.56 -8.64 13.00
C TYR A 46 -14.27 -8.60 11.66
N PHE A 47 -14.91 -9.71 11.32
CA PHE A 47 -15.47 -9.89 9.99
C PHE A 47 -16.90 -9.33 9.90
N ASP A 48 -17.11 -8.50 8.89
CA ASP A 48 -18.43 -7.97 8.52
C ASP A 48 -18.53 -8.11 7.02
N ALA A 49 -19.33 -9.08 6.56
CA ALA A 49 -19.41 -9.43 5.14
C ALA A 49 -19.77 -8.24 4.26
N ASN A 50 -20.37 -7.20 4.82
CA ASN A 50 -20.88 -6.07 4.04
C ASN A 50 -20.04 -4.81 4.15
N ASP A 51 -18.90 -4.84 4.84
CA ASP A 51 -18.17 -3.59 5.06
C ASP A 51 -17.54 -3.06 3.78
N ASP A 52 -17.10 -1.81 3.84
CA ASP A 52 -16.85 -1.00 2.64
C ASP A 52 -15.38 -0.61 2.56
N TYR A 53 -14.69 -1.10 1.54
CA TYR A 53 -13.26 -0.84 1.39
C TYR A 53 -12.87 0.65 1.42
N PRO A 54 -13.65 1.61 0.90
CA PRO A 54 -13.15 3.00 0.97
C PRO A 54 -12.89 3.47 2.38
N ASP A 55 -13.70 3.03 3.35
CA ASP A 55 -13.51 3.49 4.71
C ASP A 55 -12.11 3.15 5.20
N PHE A 56 -11.65 1.95 4.90
CA PHE A 56 -10.35 1.49 5.35
C PHE A 56 -9.22 2.05 4.49
N ALA A 57 -9.46 2.22 3.19
CA ALA A 57 -8.46 2.85 2.33
C ALA A 57 -8.16 4.26 2.82
N PHE A 58 -9.19 5.02 3.19
CA PHE A 58 -8.94 6.38 3.65
C PHE A 58 -8.26 6.42 5.02
N LEU A 59 -8.54 5.45 5.89
CA LEU A 59 -7.81 5.39 7.16
C LEU A 59 -6.32 5.29 6.92
N VAL A 60 -5.90 4.38 6.05
CA VAL A 60 -4.49 4.21 5.75
C VAL A 60 -3.94 5.42 5.01
N ALA A 61 -4.62 5.82 3.94
CA ALA A 61 -4.08 6.87 3.07
C ALA A 61 -3.99 8.20 3.80
N ASP A 62 -4.97 8.52 4.66
CA ASP A 62 -4.88 9.76 5.42
C ASP A 62 -3.69 9.76 6.37
N LYS A 63 -3.30 8.58 6.90
CA LYS A 63 -2.09 8.52 7.72
C LYS A 63 -0.85 8.74 6.87
N VAL A 64 -0.76 8.05 5.73
CA VAL A 64 0.40 8.21 4.86
C VAL A 64 0.55 9.66 4.42
N LYS A 65 -0.58 10.33 4.15
CA LYS A 65 -0.57 11.74 3.74
C LYS A 65 0.20 12.63 4.72
N LYS A 66 0.16 12.30 6.02
CA LYS A 66 0.85 13.10 7.03
C LYS A 66 2.36 12.95 7.00
N ASN A 67 2.87 11.85 6.45
CA ASN A 67 4.30 11.60 6.37
C ASN A 67 4.59 10.90 5.05
N SER A 68 4.27 11.57 3.94
CA SER A 68 4.20 10.91 2.65
C SER A 68 5.56 10.51 2.11
N ASP A 69 6.63 11.08 2.65
CA ASP A 69 7.99 10.79 2.24
C ASP A 69 8.63 9.65 3.04
N LYS A 70 7.96 9.18 4.09
CA LYS A 70 8.56 8.15 4.95
C LYS A 70 7.62 6.99 5.25
N ASP A 71 6.37 7.29 5.59
CA ASP A 71 5.45 6.23 5.99
C ASP A 71 4.90 5.52 4.76
N LEU A 72 4.44 4.29 4.97
CA LEU A 72 3.91 3.47 3.89
C LEU A 72 2.56 2.91 4.30
N GLY A 73 1.77 2.55 3.29
CA GLY A 73 0.51 1.89 3.51
C GLY A 73 0.43 0.59 2.74
N ILE A 74 -0.33 -0.36 3.28
CA ILE A 74 -0.68 -1.60 2.61
C ILE A 74 -2.19 -1.75 2.72
N LEU A 75 -2.84 -1.94 1.57
CA LEU A 75 -4.30 -2.04 1.52
C LEU A 75 -4.69 -3.27 0.71
N ILE A 76 -5.69 -3.99 1.22
CA ILE A 76 -6.11 -5.26 0.66
C ILE A 76 -7.62 -5.24 0.38
N CSD A 77 -8.02 -5.65 -0.83
CA CSD A 77 -9.41 -5.91 -1.13
CB CSD A 77 -10.19 -4.64 -1.50
SG CSD A 77 -9.63 -3.82 -2.96
C CSD A 77 -9.47 -7.03 -2.16
O CSD A 77 -8.43 -7.57 -2.55
OD1 CSD A 77 -10.50 -2.63 -3.02
OD2 CSD A 77 -10.16 -4.85 -4.15
N GLY A 78 -10.67 -7.41 -2.62
CA GLY A 78 -10.82 -8.54 -3.52
C GLY A 78 -9.82 -8.57 -4.68
N THR A 79 -9.74 -7.46 -5.41
CA THR A 79 -8.85 -7.35 -6.56
C THR A 79 -7.70 -6.36 -6.36
N GLY A 80 -7.78 -5.51 -5.33
CA GLY A 80 -6.89 -4.39 -5.15
C GLY A 80 -7.35 -3.10 -5.79
N VAL A 81 -8.34 -3.15 -6.68
CA VAL A 81 -8.70 -1.97 -7.48
C VAL A 81 -9.32 -0.88 -6.63
N GLY A 82 -10.30 -1.23 -5.80
CA GLY A 82 -11.06 -0.22 -5.08
C GLY A 82 -10.20 0.59 -4.12
N VAL A 83 -9.40 -0.10 -3.31
CA VAL A 83 -8.52 0.61 -2.38
C VAL A 83 -7.51 1.44 -3.13
N CYS A 84 -7.09 1.01 -4.32
CA CYS A 84 -6.14 1.80 -5.11
C CYS A 84 -6.79 3.08 -5.62
N MET A 85 -8.01 2.99 -6.15
CA MET A 85 -8.73 4.19 -6.57
CA MET A 85 -8.70 4.20 -6.58
C MET A 85 -8.88 5.17 -5.42
N ALA A 86 -9.34 4.65 -4.28
CA ALA A 86 -9.60 5.51 -3.12
C ALA A 86 -8.32 6.12 -2.58
N ALA A 87 -7.28 5.30 -2.37
CA ALA A 87 -6.05 5.82 -1.80
C ALA A 87 -5.45 6.90 -2.68
N ASN A 88 -5.51 6.74 -4.01
CA ASN A 88 -4.95 7.73 -4.90
C ASN A 88 -5.71 9.05 -4.89
N LYS A 89 -6.93 9.10 -4.34
CA LYS A 89 -7.60 10.38 -4.19
C LYS A 89 -6.95 11.26 -3.13
N VAL A 90 -6.13 10.69 -2.25
CA VAL A 90 -5.59 11.38 -1.10
C VAL A 90 -4.32 12.13 -1.50
N LYS A 91 -4.22 13.39 -1.06
CA LYS A 91 -3.07 14.22 -1.40
C LYS A 91 -1.78 13.59 -0.90
N GLY A 92 -0.79 13.54 -1.78
CA GLY A 92 0.52 13.02 -1.43
C GLY A 92 0.63 11.51 -1.51
N VAL A 93 -0.47 10.81 -1.77
CA VAL A 93 -0.43 9.36 -1.84
C VAL A 93 -0.20 8.92 -3.28
N LEU A 94 0.66 7.92 -3.44
CA LEU A 94 0.92 7.26 -4.72
C LEU A 94 0.69 5.78 -4.47
N ALA A 95 -0.45 5.25 -4.92
CA ALA A 95 -0.87 3.90 -4.59
C ALA A 95 -0.75 3.00 -5.82
N ALA A 96 -0.03 1.89 -5.65
CA ALA A 96 0.28 0.96 -6.73
C ALA A 96 -0.39 -0.38 -6.47
N LEU A 97 -1.13 -0.87 -7.47
CA LEU A 97 -1.75 -2.18 -7.40
CA LEU A 97 -1.76 -2.18 -7.41
C LEU A 97 -0.77 -3.20 -7.99
N VAL A 98 -0.37 -4.16 -7.15
CA VAL A 98 0.59 -5.18 -7.56
C VAL A 98 -0.03 -6.55 -7.28
N VAL A 99 -0.12 -7.39 -8.32
CA VAL A 99 -0.66 -8.73 -8.22
C VAL A 99 0.36 -9.80 -8.60
N SER A 100 1.59 -9.42 -8.89
CA SER A 100 2.64 -10.36 -9.23
C SER A 100 3.95 -9.87 -8.65
N GLU A 101 4.74 -10.80 -8.10
CA GLU A 101 6.09 -10.44 -7.69
C GLU A 101 6.87 -9.79 -8.82
N LYS A 102 6.52 -10.05 -10.08
CA LYS A 102 7.26 -9.52 -11.23
C LYS A 102 7.18 -8.01 -11.37
N THR A 103 6.15 -7.36 -10.82
CA THR A 103 6.07 -5.91 -10.88
C THR A 103 6.24 -5.24 -9.52
N ALA A 104 6.52 -6.01 -8.45
CA ALA A 104 6.50 -5.43 -7.10
C ALA A 104 7.60 -4.40 -6.90
N ALA A 105 8.84 -4.74 -7.24
CA ALA A 105 9.93 -3.79 -7.06
C ALA A 105 9.73 -2.55 -7.92
N LEU A 106 9.20 -2.71 -9.14
CA LEU A 106 9.02 -1.58 -10.03
C LEU A 106 8.08 -0.53 -9.46
N ALA A 107 7.09 -0.95 -8.66
CA ALA A 107 6.17 0.00 -8.06
C ALA A 107 6.91 1.01 -7.19
N ARG A 108 8.00 0.58 -6.55
CA ARG A 108 8.86 1.47 -5.79
CA ARG A 108 8.86 1.49 -5.80
C ARG A 108 9.90 2.14 -6.70
N GLN A 109 10.58 1.34 -7.53
CA GLN A 109 11.72 1.83 -8.31
C GLN A 109 11.31 2.94 -9.27
N HIS A 110 10.21 2.74 -10.00
CA HIS A 110 9.75 3.72 -10.98
C HIS A 110 8.68 4.65 -10.44
N ASP A 111 7.71 4.12 -9.69
CA ASP A 111 6.53 4.89 -9.34
C ASP A 111 6.60 5.53 -7.96
N ASN A 112 7.64 5.24 -7.18
CA ASN A 112 7.80 5.78 -5.83
C ASN A 112 6.56 5.59 -4.98
N ALA A 113 5.87 4.46 -5.15
CA ALA A 113 4.61 4.29 -4.45
C ALA A 113 4.82 4.33 -2.95
N ASN A 114 3.90 4.98 -2.23
CA ASN A 114 3.89 4.90 -0.78
C ASN A 114 2.72 4.10 -0.24
N VAL A 115 1.86 3.57 -1.11
CA VAL A 115 0.80 2.65 -0.71
C VAL A 115 0.80 1.49 -1.69
N LEU A 116 0.85 0.28 -1.15
CA LEU A 116 0.83 -0.96 -1.89
C LEU A 116 -0.55 -1.57 -1.75
N CYS A 117 -1.20 -1.84 -2.89
CA CYS A 117 -2.54 -2.39 -2.95
C CYS A 117 -2.46 -3.83 -3.47
N LEU A 118 -3.17 -4.73 -2.78
CA LEU A 118 -3.07 -6.16 -2.98
C LEU A 118 -4.47 -6.77 -3.13
N SER A 119 -4.50 -7.89 -3.85
CA SER A 119 -5.69 -8.69 -4.06
C SER A 119 -5.78 -9.84 -3.07
N SER A 120 -6.91 -9.96 -2.39
CA SER A 120 -7.17 -11.09 -1.51
C SER A 120 -7.79 -12.28 -2.22
N ARG A 121 -8.46 -12.08 -3.35
CA ARG A 121 -9.23 -13.14 -4.01
C ARG A 121 -8.51 -13.78 -5.18
N PHE A 122 -7.46 -13.14 -5.72
CA PHE A 122 -6.85 -13.58 -6.96
C PHE A 122 -5.36 -13.84 -6.85
N VAL A 123 -4.78 -13.63 -5.68
CA VAL A 123 -3.35 -13.79 -5.43
C VAL A 123 -3.21 -14.58 -4.14
N THR A 124 -2.29 -15.53 -4.11
CA THR A 124 -2.13 -16.38 -2.92
C THR A 124 -1.46 -15.60 -1.80
N ASP A 125 -1.62 -16.11 -0.57
CA ASP A 125 -0.93 -15.51 0.57
C ASP A 125 0.58 -15.49 0.34
N SER A 126 1.13 -16.60 -0.15
CA SER A 126 2.57 -16.68 -0.38
C SER A 126 3.04 -15.60 -1.36
N GLU A 127 2.33 -15.45 -2.48
CA GLU A 127 2.73 -14.45 -3.46
CA GLU A 127 2.74 -14.45 -3.45
C GLU A 127 2.59 -13.05 -2.90
N ASN A 128 1.52 -12.79 -2.12
CA ASN A 128 1.37 -11.48 -1.51
C ASN A 128 2.51 -11.16 -0.54
N ILE A 129 2.96 -12.13 0.25
CA ILE A 129 4.11 -11.88 1.11
C ILE A 129 5.35 -11.53 0.28
N LYS A 130 5.56 -12.25 -0.82
CA LYS A 130 6.71 -11.94 -1.67
C LYS A 130 6.61 -10.55 -2.27
N ILE A 131 5.40 -10.15 -2.67
CA ILE A 131 5.18 -8.81 -3.19
C ILE A 131 5.54 -7.77 -2.15
N VAL A 132 5.03 -7.95 -0.93
CA VAL A 132 5.34 -7.03 0.18
C VAL A 132 6.84 -6.95 0.40
N ASP A 133 7.51 -8.10 0.48
CA ASP A 133 8.94 -8.09 0.77
C ASP A 133 9.73 -7.36 -0.32
N ASP A 134 9.40 -7.61 -1.59
CA ASP A 134 10.15 -6.97 -2.67
C ASP A 134 9.85 -5.48 -2.76
N PHE A 135 8.60 -5.10 -2.49
CA PHE A 135 8.24 -3.69 -2.46
C PHE A 135 9.02 -2.95 -1.38
N LEU A 136 9.13 -3.54 -0.19
CA LEU A 136 9.84 -2.88 0.91
C LEU A 136 11.35 -2.86 0.69
N LYS A 137 11.89 -3.89 0.04
CA LYS A 137 13.34 -3.96 -0.20
C LYS A 137 13.78 -3.02 -1.31
N ALA A 138 12.91 -2.74 -2.28
CA ALA A 138 13.26 -1.92 -3.42
C ALA A 138 13.41 -0.46 -3.01
N ASN A 139 14.13 0.30 -3.83
CA ASN A 139 14.35 1.72 -3.63
C ASN A 139 13.94 2.49 -4.88
N PHE A 140 13.37 3.67 -4.67
CA PHE A 140 13.06 4.56 -5.78
C PHE A 140 14.34 4.92 -6.54
N GLU A 141 14.28 4.85 -7.87
CA GLU A 141 15.45 5.06 -8.71
C GLU A 141 15.63 6.50 -9.16
N GLY A 142 14.68 7.39 -8.86
CA GLY A 142 14.85 8.81 -9.14
C GLY A 142 15.02 9.11 -10.61
N GLY A 143 15.77 10.18 -10.90
CA GLY A 143 16.05 10.51 -12.29
C GLY A 143 14.79 10.85 -13.06
N ARG A 144 14.65 10.23 -14.23
CA ARG A 144 13.46 10.45 -15.05
C ARG A 144 12.19 10.13 -14.28
N HIS A 145 12.26 9.17 -13.34
CA HIS A 145 11.07 8.82 -12.59
C HIS A 145 10.67 9.93 -11.64
N GLN A 146 11.64 10.67 -11.10
CA GLN A 146 11.31 11.81 -10.27
C GLN A 146 10.59 12.89 -11.08
N ARG A 147 11.05 13.14 -12.31
CA ARG A 147 10.37 14.11 -13.16
C ARG A 147 8.91 13.74 -13.38
N ARG A 148 8.65 12.45 -13.57
CA ARG A 148 7.28 11.99 -13.81
C ARG A 148 6.42 12.11 -12.55
N ILE A 149 6.92 11.62 -11.41
CA ILE A 149 6.17 11.74 -10.16
CA ILE A 149 6.10 11.74 -10.20
C ILE A 149 5.88 13.20 -9.84
N ASP A 150 6.86 14.08 -10.10
CA ASP A 150 6.67 15.50 -9.85
C ASP A 150 5.47 16.05 -10.63
N LYS A 151 5.25 15.54 -11.85
CA LYS A 151 4.10 16.00 -12.63
C LYS A 151 2.78 15.58 -11.99
N ILE A 152 2.73 14.39 -11.40
CA ILE A 152 1.53 13.95 -10.70
C ILE A 152 1.27 14.85 -9.49
N ILE A 153 2.32 15.08 -8.70
CA ILE A 153 2.20 15.91 -7.51
CA ILE A 153 2.23 15.92 -7.51
C ILE A 153 1.76 17.33 -7.88
N ARG A 154 2.33 17.89 -8.95
CA ARG A 154 1.95 19.22 -9.37
C ARG A 154 0.49 19.29 -9.80
N TYR A 155 0.02 18.28 -10.53
CA TYR A 155 -1.39 18.27 -10.92
C TYR A 155 -2.30 18.31 -9.70
N GLU A 156 -2.05 17.44 -8.72
CA GLU A 156 -3.01 17.39 -7.61
C GLU A 156 -2.93 18.65 -6.75
N LYS A 157 -1.76 19.28 -6.67
CA LYS A 157 -1.61 20.49 -5.87
C LYS A 157 -2.19 21.71 -6.56
N GLU A 158 -2.18 21.76 -7.89
CA GLU A 158 -2.56 22.97 -8.63
C GLU A 158 -3.95 22.89 -9.27
N THR A 159 -4.57 21.71 -9.30
CA THR A 159 -5.89 21.57 -9.88
C THR A 159 -6.95 21.50 -8.78
C2 5RP B . -13.04 -3.79 -4.60
C3 5RP B . -13.11 -5.23 -4.14
C5 5RP B . -13.97 -5.53 -2.90
O13 5RP B . -13.23 -6.30 -1.97
C6 5RP B . -15.16 -6.32 -3.45
O14 5RP B . -15.85 -5.50 -4.40
C7 5RP B . -16.11 -6.77 -2.36
O8 5RP B . -17.04 -7.69 -2.95
P9 5RP B . -18.22 -8.31 -2.05
O12 5RP B . -18.97 -9.21 -2.97
O11 5RP B . -17.54 -9.05 -0.90
O10 5RP B . -19.04 -7.15 -1.52
O4 5RP B . -12.56 -6.13 -4.74
O1 5RP B . -12.22 -3.67 -5.77
#